data_2VH0
#
_entry.id   2VH0
#
_cell.length_a   56.542
_cell.length_b   72.156
_cell.length_c   78.657
_cell.angle_alpha   90.00
_cell.angle_beta   90.00
_cell.angle_gamma   90.00
#
_symmetry.space_group_name_H-M   'P 21 21 21'
#
loop_
_entity.id
_entity.type
_entity.pdbx_description
1 polymer 'ACTIVATED FACTOR XA HEAVY CHAIN'
2 polymer 'ACTIVATED FACTOR XA LIGHT CHAIN'
3 non-polymer 'CALCIUM ION'
4 non-polymer 'MAGNESIUM ION'
5 non-polymer 2-(5-chlorothiophen-2-yl)-N-[(3S)-1-(4-{2-[(dimethylamino)methyl]-1H-imidazol-1-yl}-2-fluorophenyl)-2-oxopyrrolidin-3-yl]ethanesulfonamide
6 water water
#
loop_
_entity_poly.entity_id
_entity_poly.type
_entity_poly.pdbx_seq_one_letter_code
_entity_poly.pdbx_strand_id
1 'polypeptide(L)'
;IVGGQECKDGECPWQALLINEENEGFCGGTILSEFYILTAAHCLYQAKRFKVRVGDRNTEQEEGGEAVHEVEVVIKHNRF
TKETYDFDIAVLRLKTPITFRMNVAPACLPERDWAESTLMTQKTGIVSGFGRTHEKGRQSTRLKMLEVPYVDRNSCKLSS
SFIITQNMFCAGYDTKQEDACQGDSGGPHVTRFKDTYFVTGIVSWGEGCARKGKYGIYTKVTAFLKWIDRSMKTRGLPKA
KSHAPEVITSSPLK
;
A
2 'polypeptide(L)'
;EEMKKGHLERECMEETCSYEEAREVFEDSDKTNEFWNKYKDGDQCETSPCQNQGKCKDGLGEYTCTCLEGFEGKNCELFT
RKLCSLDNGDCDQFCHEEQNSVVCSCARGYTLADNGKACIPTGPYPCGKQTLER
;
B
#
# COMPACT_ATOMS: atom_id res chain seq x y z
N ILE A 1 13.98 -2.87 0.25
CA ILE A 1 14.05 -1.40 0.37
C ILE A 1 15.50 -0.99 0.47
N VAL A 2 15.90 -0.14 -0.47
CA VAL A 2 17.23 0.45 -0.53
C VAL A 2 17.14 1.79 0.21
N GLY A 3 17.99 1.99 1.21
CA GLY A 3 17.94 3.22 2.02
C GLY A 3 16.78 3.07 3.02
N GLY A 4 16.21 4.18 3.43
CA GLY A 4 15.08 4.17 4.35
C GLY A 4 15.47 3.74 5.74
N GLN A 5 14.49 3.27 6.50
CA GLN A 5 14.72 2.93 7.88
C GLN A 5 14.00 1.63 8.27
N GLU A 6 14.43 0.97 9.36
CA GLU A 6 13.65 -0.17 9.83
C GLU A 6 12.27 0.33 10.30
N CYS A 7 11.24 -0.50 10.09
CA CYS A 7 9.96 -0.25 10.70
C CYS A 7 10.12 -0.62 12.16
N LYS A 8 9.80 0.32 13.02
CA LYS A 8 9.90 0.08 14.45
C LYS A 8 8.56 -0.50 14.93
N ASP A 9 8.48 -0.88 16.21
CA ASP A 9 7.34 -1.63 16.74
C ASP A 9 6.05 -0.86 16.48
N GLY A 10 5.11 -1.51 15.78
CA GLY A 10 3.84 -0.86 15.48
C GLY A 10 3.73 0.06 14.28
N GLU A 11 4.85 0.36 13.61
CA GLU A 11 4.86 1.37 12.55
C GLU A 11 4.35 0.95 11.18
N CYS A 12 4.42 -0.33 10.87
CA CYS A 12 4.00 -0.77 9.50
C CYS A 12 3.05 -1.97 9.68
N PRO A 13 1.95 -1.77 10.41
CA PRO A 13 1.18 -2.96 10.78
C PRO A 13 0.37 -3.61 9.69
N TRP A 14 0.27 -2.90 8.57
CA TRP A 14 -0.55 -3.39 7.40
C TRP A 14 0.34 -4.16 6.45
N GLN A 15 1.63 -4.33 6.80
CA GLN A 15 2.49 -5.10 5.89
C GLN A 15 2.14 -6.59 5.90
N ALA A 16 2.09 -7.21 4.72
CA ALA A 16 1.89 -8.67 4.63
C ALA A 16 3.07 -9.17 3.79
N LEU A 17 3.40 -10.45 3.98
CA LEU A 17 4.51 -11.06 3.22
C LEU A 17 4.02 -12.36 2.62
N LEU A 18 4.19 -12.52 1.30
CA LEU A 18 3.79 -13.75 0.61
C LEU A 18 5.01 -14.65 0.75
N ILE A 19 4.80 -15.85 1.25
CA ILE A 19 5.91 -16.75 1.53
C ILE A 19 5.64 -18.03 0.73
N ASN A 20 6.69 -18.56 0.14
CA ASN A 20 6.53 -19.76 -0.67
C ASN A 20 6.64 -21.03 0.22
N GLU A 21 6.71 -22.19 -0.46
CA GLU A 21 6.79 -23.49 0.20
C GLU A 21 7.99 -23.65 1.15
N GLU A 22 9.06 -22.94 0.86
CA GLU A 22 10.26 -22.97 1.69
C GLU A 22 10.20 -21.94 2.82
N ASN A 23 9.02 -21.35 3.04
CA ASN A 23 8.83 -20.32 4.07
C ASN A 23 9.65 -19.06 3.84
N GLU A 24 9.97 -18.81 2.57
CA GLU A 24 10.71 -17.61 2.19
C GLU A 24 9.84 -16.58 1.48
N GLY A 25 10.03 -15.32 1.87
CA GLY A 25 9.26 -14.23 1.28
C GLY A 25 9.67 -13.95 -0.15
N PHE A 26 8.69 -13.66 -1.00
CA PHE A 26 9.01 -13.33 -2.40
C PHE A 26 8.30 -12.07 -2.86
N CYS A 27 7.28 -11.65 -2.11
CA CYS A 27 6.51 -10.46 -2.48
C CYS A 27 5.84 -9.93 -1.22
N GLY A 28 5.42 -8.68 -1.27
CA GLY A 28 4.68 -8.10 -0.12
C GLY A 28 3.21 -8.05 -0.48
N GLY A 29 2.41 -7.52 0.45
CA GLY A 29 1.00 -7.31 0.27
C GLY A 29 0.59 -6.29 1.33
N THR A 30 -0.64 -5.81 1.23
CA THR A 30 -1.18 -4.85 2.23
C THR A 30 -2.46 -5.46 2.82
N ILE A 31 -2.58 -5.47 4.15
CA ILE A 31 -3.77 -5.94 4.81
C ILE A 31 -4.88 -4.89 4.61
N LEU A 32 -6.01 -5.30 4.00
CA LEU A 32 -7.13 -4.40 3.77
C LEU A 32 -8.25 -4.64 4.80
N SER A 33 -8.32 -5.87 5.31
CA SER A 33 -9.37 -6.23 6.26
C SER A 33 -9.01 -7.61 6.86
N GLU A 34 -9.87 -8.11 7.74
CA GLU A 34 -9.52 -9.35 8.40
C GLU A 34 -9.41 -10.48 7.36
N PHE A 35 -10.10 -10.35 6.23
CA PHE A 35 -10.00 -11.45 5.25
C PHE A 35 -9.28 -11.15 3.96
N TYR A 36 -8.84 -9.92 3.74
CA TYR A 36 -8.34 -9.60 2.40
C TYR A 36 -6.95 -8.93 2.41
N ILE A 37 -6.15 -9.35 1.43
CA ILE A 37 -4.83 -8.82 1.19
C ILE A 37 -4.75 -8.26 -0.21
N LEU A 38 -4.11 -7.09 -0.35
CA LEU A 38 -3.89 -6.47 -1.65
C LEU A 38 -2.48 -6.77 -2.07
N THR A 39 -2.28 -7.22 -3.33
CA THR A 39 -0.93 -7.47 -3.81
C THR A 39 -0.85 -7.17 -5.30
N ALA A 40 0.31 -7.46 -5.89
CA ALA A 40 0.46 -7.22 -7.33
C ALA A 40 0.12 -8.52 -8.06
N ALA A 41 -0.52 -8.40 -9.22
CA ALA A 41 -0.86 -9.58 -10.04
C ALA A 41 0.40 -10.33 -10.51
N HIS A 42 1.49 -9.61 -10.77
CA HIS A 42 2.71 -10.29 -11.26
C HIS A 42 3.33 -11.21 -10.18
N CYS A 43 3.02 -10.93 -8.92
CA CYS A 43 3.51 -11.76 -7.83
C CYS A 43 2.97 -13.19 -7.89
N LEU A 44 1.81 -13.35 -8.49
CA LEU A 44 1.13 -14.64 -8.58
C LEU A 44 1.86 -15.64 -9.46
N TYR A 45 2.86 -15.18 -10.21
CA TYR A 45 3.64 -16.07 -11.07
C TYR A 45 4.97 -16.48 -10.44
N GLN A 46 5.25 -15.99 -9.23
CA GLN A 46 6.55 -16.26 -8.59
C GLN A 46 6.58 -17.46 -7.63
N ALA A 47 5.42 -18.07 -7.43
CA ALA A 47 5.32 -19.24 -6.56
C ALA A 47 4.09 -20.02 -6.95
N LYS A 48 4.25 -21.33 -6.98
CA LYS A 48 3.16 -22.25 -7.32
C LYS A 48 2.09 -22.25 -6.22
N ARG A 49 2.55 -22.35 -4.98
CA ARG A 49 1.66 -22.37 -3.82
C ARG A 49 2.33 -21.41 -2.84
N PHE A 50 1.53 -20.57 -2.20
CA PHE A 50 2.09 -19.64 -1.21
C PHE A 50 1.05 -19.35 -0.11
N LYS A 51 1.52 -18.85 1.03
CA LYS A 51 0.65 -18.44 2.12
C LYS A 51 1.00 -16.97 2.41
N VAL A 52 0.28 -16.38 3.34
CA VAL A 52 0.53 -14.97 3.70
C VAL A 52 0.92 -14.88 5.17
N ARG A 53 2.06 -14.27 5.44
CA ARG A 53 2.46 -13.99 6.84
C ARG A 53 2.23 -12.50 7.24
N VAL A 54 1.71 -12.29 8.44
CA VAL A 54 1.48 -10.94 8.92
C VAL A 54 2.10 -10.81 10.30
N GLY A 55 2.35 -9.55 10.70
CA GLY A 55 2.88 -9.30 12.05
C GLY A 55 4.34 -9.61 12.25
N ASP A 56 5.08 -9.72 11.15
CA ASP A 56 6.50 -10.06 11.24
C ASP A 56 7.33 -8.83 10.95
N ARG A 57 8.39 -8.62 11.72
CA ARG A 57 9.31 -7.52 11.45
C ARG A 57 10.75 -8.03 11.29
N ASN A 58 10.98 -9.24 11.77
CA ASN A 58 12.32 -9.84 11.76
C ASN A 58 12.15 -11.30 11.40
N THR A 59 12.57 -11.69 10.19
CA THR A 59 12.35 -13.06 9.74
C THR A 59 13.24 -14.07 10.46
N GLU A 60 14.18 -13.58 11.28
CA GLU A 60 15.09 -14.46 12.02
C GLU A 60 14.67 -14.81 13.45
N GLN A 61 13.74 -14.05 14.01
CA GLN A 61 13.26 -14.29 15.36
C GLN A 61 11.75 -14.47 15.39
N GLU A 62 11.22 -14.80 16.57
CA GLU A 62 9.78 -14.94 16.71
C GLU A 62 9.32 -14.01 17.83
N GLU A 63 8.79 -12.84 17.45
CA GLU A 63 8.31 -11.84 18.40
C GLU A 63 6.90 -12.11 18.95
N GLY A 64 6.35 -13.27 18.64
CA GLY A 64 5.05 -13.70 19.15
C GLY A 64 3.80 -13.17 18.48
N GLY A 65 3.95 -12.15 17.63
CA GLY A 65 2.79 -11.57 16.97
C GLY A 65 2.55 -12.12 15.56
N GLU A 66 3.51 -12.92 15.07
CA GLU A 66 3.42 -13.44 13.70
C GLU A 66 2.26 -14.41 13.51
N ALA A 67 1.65 -14.39 12.33
CA ALA A 67 0.58 -15.35 12.02
C ALA A 67 0.65 -15.66 10.55
N VAL A 68 0.55 -16.96 10.21
CA VAL A 68 0.51 -17.41 8.82
C VAL A 68 -0.92 -17.75 8.47
N HIS A 69 -1.35 -17.31 7.29
CA HIS A 69 -2.69 -17.55 6.78
C HIS A 69 -2.68 -18.17 5.39
N GLU A 70 -3.51 -19.19 5.21
CA GLU A 70 -3.69 -19.81 3.93
C GLU A 70 -4.61 -18.95 3.10
N VAL A 71 -4.41 -19.01 1.79
CA VAL A 71 -5.20 -18.29 0.84
C VAL A 71 -6.35 -19.18 0.35
N GLU A 72 -7.57 -18.65 0.40
CA GLU A 72 -8.76 -19.35 -0.07
C GLU A 72 -9.06 -19.04 -1.52
N VAL A 73 -9.00 -17.77 -1.91
CA VAL A 73 -9.37 -17.36 -3.27
C VAL A 73 -8.35 -16.34 -3.73
N VAL A 74 -7.89 -16.48 -4.97
CA VAL A 74 -6.98 -15.50 -5.57
C VAL A 74 -7.80 -14.76 -6.61
N ILE A 75 -7.89 -13.43 -6.51
CA ILE A 75 -8.68 -12.65 -7.44
C ILE A 75 -7.65 -11.79 -8.20
N LYS A 76 -7.34 -12.19 -9.43
CA LYS A 76 -6.32 -11.52 -10.24
C LYS A 76 -7.01 -10.64 -11.27
N HIS A 77 -6.51 -9.42 -11.50
CA HIS A 77 -7.23 -8.56 -12.46
C HIS A 77 -7.15 -9.23 -13.84
N ASN A 78 -8.31 -9.45 -14.47
CA ASN A 78 -8.34 -10.16 -15.78
C ASN A 78 -7.55 -9.49 -16.92
N ARG A 79 -7.11 -8.25 -16.74
CA ARG A 79 -6.36 -7.57 -17.80
C ARG A 79 -4.86 -7.53 -17.60
N PHE A 80 -4.36 -8.07 -16.49
CA PHE A 80 -2.91 -8.04 -16.29
C PHE A 80 -2.15 -8.82 -17.35
N THR A 81 -1.04 -8.24 -17.84
CA THR A 81 -0.12 -8.92 -18.76
C THR A 81 1.32 -8.59 -18.43
N LYS A 82 2.18 -9.61 -18.48
CA LYS A 82 3.63 -9.45 -18.28
C LYS A 82 4.20 -8.52 -19.36
N GLU A 83 3.51 -8.43 -20.49
CA GLU A 83 3.99 -7.65 -21.60
C GLU A 83 4.00 -6.16 -21.35
N THR A 84 3.00 -5.66 -20.63
CA THR A 84 2.92 -4.21 -20.37
C THR A 84 3.01 -3.86 -18.89
N TYR A 85 2.76 -4.87 -18.06
CA TYR A 85 2.63 -4.69 -16.59
C TYR A 85 1.45 -3.83 -16.20
N ASP A 86 0.51 -3.63 -17.13
CA ASP A 86 -0.66 -2.83 -16.84
C ASP A 86 -1.62 -3.64 -15.98
N PHE A 87 -2.45 -2.99 -15.17
CA PHE A 87 -3.41 -3.71 -14.29
C PHE A 87 -2.74 -4.69 -13.32
N ASP A 88 -1.60 -4.28 -12.74
CA ASP A 88 -0.82 -5.12 -11.85
C ASP A 88 -1.43 -5.09 -10.44
N ILE A 89 -2.49 -5.86 -10.26
CA ILE A 89 -3.21 -5.84 -9.01
C ILE A 89 -3.92 -7.15 -8.82
N ALA A 90 -3.98 -7.60 -7.56
CA ALA A 90 -4.74 -8.78 -7.22
C ALA A 90 -5.15 -8.64 -5.77
N VAL A 91 -6.18 -9.38 -5.42
CA VAL A 91 -6.69 -9.43 -4.06
C VAL A 91 -6.76 -10.89 -3.63
N LEU A 92 -6.35 -11.14 -2.40
CA LEU A 92 -6.36 -12.49 -1.82
C LEU A 92 -7.40 -12.59 -0.73
N ARG A 93 -8.27 -13.60 -0.77
CA ARG A 93 -9.19 -13.84 0.33
C ARG A 93 -8.56 -14.96 1.13
N LEU A 94 -8.41 -14.75 2.44
CA LEU A 94 -7.82 -15.72 3.28
C LEU A 94 -8.84 -16.75 3.78
N LYS A 95 -8.34 -17.93 4.12
CA LYS A 95 -9.19 -19.00 4.68
C LYS A 95 -9.68 -18.67 6.09
N THR A 96 -8.84 -18.00 6.87
CA THR A 96 -9.23 -17.66 8.27
C THR A 96 -9.00 -16.16 8.48
N PRO A 97 -9.82 -15.49 9.32
CA PRO A 97 -9.61 -14.02 9.49
C PRO A 97 -8.34 -13.70 10.26
N ILE A 98 -7.73 -12.54 9.93
CA ILE A 98 -6.54 -12.09 10.62
C ILE A 98 -6.99 -11.47 11.97
N THR A 99 -6.23 -11.78 13.02
CA THR A 99 -6.48 -11.22 14.35
C THR A 99 -5.61 -9.97 14.50
N PHE A 100 -6.28 -8.82 14.51
CA PHE A 100 -5.52 -7.57 14.66
C PHE A 100 -4.91 -7.49 16.07
N ARG A 101 -3.76 -6.86 16.14
CA ARG A 101 -2.97 -6.77 17.34
C ARG A 101 -1.80 -5.87 17.06
N MET A 102 -0.89 -5.75 18.04
CA MET A 102 0.30 -5.00 17.80
C MET A 102 0.99 -5.58 16.53
N ASN A 103 1.35 -4.69 15.60
CA ASN A 103 2.01 -4.99 14.31
C ASN A 103 1.10 -5.66 13.29
N VAL A 104 -0.20 -5.74 13.57
CA VAL A 104 -1.15 -6.36 12.61
C VAL A 104 -2.43 -5.54 12.57
N ALA A 105 -2.58 -4.73 11.55
CA ALA A 105 -3.77 -3.90 11.41
C ALA A 105 -3.95 -3.49 9.95
N PRO A 106 -5.17 -3.20 9.50
CA PRO A 106 -5.35 -2.85 8.09
C PRO A 106 -5.01 -1.38 7.75
N ALA A 107 -4.67 -1.12 6.50
CA ALA A 107 -4.52 0.23 5.99
C ALA A 107 -5.89 0.65 5.51
N CYS A 108 -6.18 1.95 5.53
CA CYS A 108 -7.50 2.40 5.07
C CYS A 108 -7.56 2.52 3.56
N LEU A 109 -8.70 2.14 2.99
CA LEU A 109 -8.93 2.38 1.56
C LEU A 109 -9.61 3.75 1.47
N PRO A 110 -9.05 4.65 0.68
CA PRO A 110 -9.66 5.97 0.55
C PRO A 110 -10.77 6.01 -0.51
N GLU A 111 -11.44 7.15 -0.62
CA GLU A 111 -12.38 7.40 -1.72
C GLU A 111 -11.58 7.91 -2.88
N ARG A 112 -12.01 7.59 -4.12
CA ARG A 112 -11.22 7.99 -5.27
C ARG A 112 -10.96 9.48 -5.45
N ASP A 113 -12.01 10.30 -5.55
CA ASP A 113 -11.74 11.71 -5.83
C ASP A 113 -10.88 12.37 -4.77
N TRP A 114 -11.21 12.06 -3.52
CA TRP A 114 -10.48 12.67 -2.40
C TRP A 114 -9.05 12.18 -2.39
N ALA A 115 -8.83 10.90 -2.63
CA ALA A 115 -7.45 10.38 -2.68
C ALA A 115 -6.61 11.06 -3.80
N GLU A 116 -7.21 11.29 -4.98
CA GLU A 116 -6.49 11.92 -6.06
C GLU A 116 -6.17 13.40 -5.81
N SER A 117 -7.11 14.08 -5.15
CA SER A 117 -6.94 15.50 -4.97
C SER A 117 -6.18 15.86 -3.72
N THR A 118 -6.27 14.98 -2.73
CA THR A 118 -5.66 15.26 -1.41
C THR A 118 -4.51 14.37 -1.01
N LEU A 119 -4.62 13.08 -1.27
CA LEU A 119 -3.49 12.19 -0.95
C LEU A 119 -2.34 12.22 -1.95
N MET A 120 -2.68 12.07 -3.23
CA MET A 120 -1.66 12.02 -4.25
C MET A 120 -1.00 13.34 -4.56
N THR A 121 -1.50 14.38 -3.90
CA THR A 121 -0.94 15.72 -4.07
C THR A 121 -0.05 16.05 -2.86
N GLN A 122 0.07 15.12 -1.90
CA GLN A 122 0.96 15.32 -0.74
C GLN A 122 2.39 15.21 -1.31
N LYS A 123 3.38 15.65 -0.55
CA LYS A 123 4.76 15.57 -1.03
C LYS A 123 5.25 14.15 -1.14
N THR A 124 4.88 13.31 -0.18
CA THR A 124 5.43 11.95 -0.15
C THR A 124 4.40 10.87 0.23
N GLY A 125 4.78 9.64 -0.05
CA GLY A 125 4.07 8.43 0.39
C GLY A 125 5.12 7.57 1.10
N ILE A 126 4.73 6.42 1.62
CA ILE A 126 5.64 5.55 2.34
C ILE A 126 5.57 4.19 1.71
N VAL A 127 6.73 3.62 1.33
CA VAL A 127 6.76 2.26 0.79
C VAL A 127 7.47 1.35 1.83
N SER A 128 7.09 0.07 1.90
CA SER A 128 7.68 -0.79 2.91
C SER A 128 7.86 -2.22 2.40
N GLY A 129 8.78 -2.98 3.01
CA GLY A 129 8.91 -4.37 2.66
C GLY A 129 10.20 -5.01 3.15
N PHE A 130 10.32 -6.31 2.82
CA PHE A 130 11.47 -7.12 3.21
C PHE A 130 12.37 -7.37 2.02
N GLY A 131 12.29 -6.53 1.00
CA GLY A 131 13.05 -6.75 -0.24
C GLY A 131 14.51 -6.46 -0.09
N ARG A 132 15.25 -6.67 -1.17
CA ARG A 132 16.67 -6.35 -1.16
C ARG A 132 16.99 -4.93 -0.72
N THR A 133 18.15 -4.80 -0.05
CA THR A 133 18.66 -3.52 0.45
C THR A 133 19.67 -2.84 -0.52
N HIS A 134 19.98 -3.54 -1.60
CA HIS A 134 20.82 -3.02 -2.68
C HIS A 134 20.38 -3.83 -3.89
N GLU A 135 20.55 -3.27 -5.09
CA GLU A 135 20.11 -4.00 -6.28
C GLU A 135 20.67 -5.42 -6.36
N LYS A 136 21.94 -5.59 -6.02
CA LYS A 136 22.55 -6.94 -6.14
C LYS A 136 22.58 -7.87 -4.90
N GLY A 137 22.07 -7.40 -3.76
CA GLY A 137 22.13 -8.16 -2.49
C GLY A 137 21.07 -9.23 -2.19
N ARG A 138 20.94 -9.58 -0.91
CA ARG A 138 19.92 -10.54 -0.50
C ARG A 138 18.74 -9.80 0.13
N GLN A 139 17.61 -10.49 0.26
CA GLN A 139 16.39 -9.91 0.88
C GLN A 139 16.73 -9.48 2.30
N SER A 140 16.03 -8.45 2.79
CA SER A 140 16.22 -7.97 4.16
C SER A 140 15.59 -8.94 5.15
N THR A 141 16.26 -9.19 6.27
CA THR A 141 15.62 -10.04 7.27
C THR A 141 14.75 -9.11 8.12
N ARG A 142 14.93 -7.80 7.98
CA ARG A 142 14.15 -6.83 8.78
C ARG A 142 13.18 -6.04 7.89
N LEU A 143 11.96 -5.83 8.37
CA LEU A 143 11.02 -5.01 7.60
C LEU A 143 11.50 -3.57 7.58
N LYS A 144 11.52 -2.92 6.39
CA LYS A 144 11.98 -1.53 6.23
C LYS A 144 10.87 -0.67 5.66
N MET A 145 11.02 0.63 5.82
CA MET A 145 10.05 1.59 5.22
C MET A 145 10.86 2.71 4.63
N LEU A 146 10.26 3.46 3.71
CA LEU A 146 10.97 4.52 3.06
C LEU A 146 9.98 5.55 2.61
N GLU A 147 10.27 6.79 2.95
CA GLU A 147 9.46 7.91 2.47
C GLU A 147 9.84 8.17 1.01
N VAL A 148 8.85 8.20 0.12
CA VAL A 148 9.12 8.42 -1.29
C VAL A 148 8.29 9.55 -1.85
N PRO A 149 8.94 10.59 -2.38
CA PRO A 149 8.20 11.69 -2.96
C PRO A 149 7.36 11.24 -4.18
N TYR A 150 6.17 11.82 -4.31
CA TYR A 150 5.40 11.66 -5.52
C TYR A 150 6.15 12.32 -6.65
N VAL A 151 6.20 11.66 -7.81
CA VAL A 151 6.92 12.24 -8.95
C VAL A 151 5.93 12.80 -9.98
N ASP A 152 6.23 14.02 -10.46
CA ASP A 152 5.48 14.67 -11.52
C ASP A 152 5.29 13.67 -12.65
N ARG A 153 4.07 13.52 -13.10
CA ARG A 153 3.78 12.54 -14.13
C ARG A 153 4.52 12.69 -15.48
N ASN A 154 4.69 13.94 -15.91
CA ASN A 154 5.46 14.18 -17.14
C ASN A 154 6.93 13.71 -16.97
N SER A 155 7.54 14.06 -15.86
CA SER A 155 8.93 13.66 -15.61
C SER A 155 9.03 12.16 -15.57
N CYS A 156 8.03 11.54 -14.93
CA CYS A 156 7.98 10.09 -14.82
C CYS A 156 8.02 9.45 -16.22
N LYS A 157 7.15 9.91 -17.12
CA LYS A 157 7.08 9.37 -18.48
C LYS A 157 8.38 9.60 -19.26
N LEU A 158 8.99 10.78 -19.08
CA LEU A 158 10.26 11.09 -19.75
C LEU A 158 11.40 10.20 -19.30
N SER A 159 11.37 9.79 -18.03
CA SER A 159 12.43 8.94 -17.47
C SER A 159 12.34 7.46 -17.81
N SER A 160 11.17 7.03 -18.27
CA SER A 160 10.90 5.62 -18.44
C SER A 160 11.12 5.08 -19.83
N SER A 161 11.66 3.86 -19.89
CA SER A 161 11.90 3.17 -21.15
C SER A 161 10.66 2.41 -21.59
N PHE A 162 9.67 2.32 -20.69
CA PHE A 162 8.44 1.57 -21.00
C PHE A 162 7.23 2.47 -20.76
N ILE A 163 6.09 2.16 -21.39
CA ILE A 163 4.90 3.00 -21.25
C ILE A 163 4.36 3.05 -19.81
N ILE A 164 4.23 4.25 -19.28
CA ILE A 164 3.57 4.45 -17.96
C ILE A 164 2.09 4.67 -18.27
N THR A 165 1.26 3.66 -17.98
CA THR A 165 -0.18 3.75 -18.24
C THR A 165 -0.88 4.58 -17.17
N GLN A 166 -2.17 4.82 -17.36
CA GLN A 166 -2.93 5.59 -16.39
C GLN A 166 -3.16 4.84 -15.10
N ASN A 167 -2.81 3.55 -15.12
CA ASN A 167 -2.99 2.70 -13.93
C ASN A 167 -1.71 2.64 -13.14
N MET A 168 -0.78 3.52 -13.49
CA MET A 168 0.50 3.52 -12.82
C MET A 168 0.86 4.94 -12.39
N PHE A 169 1.72 5.03 -11.37
CA PHE A 169 2.32 6.31 -10.99
C PHE A 169 3.74 6.08 -10.55
N CYS A 170 4.56 7.15 -10.56
CA CYS A 170 5.99 7.11 -10.17
C CYS A 170 6.21 7.70 -8.82
N ALA A 171 7.14 7.13 -8.06
CA ALA A 171 7.48 7.73 -6.80
C ALA A 171 8.92 7.37 -6.55
N GLY A 172 9.59 8.20 -5.79
CA GLY A 172 11.01 7.95 -5.47
C GLY A 172 11.89 9.15 -5.78
N TYR A 173 13.13 8.84 -6.14
CA TYR A 173 14.18 9.82 -6.36
C TYR A 173 14.92 9.60 -7.68
N ASP A 174 15.26 10.75 -8.26
CA ASP A 174 16.00 10.83 -9.51
C ASP A 174 17.36 10.16 -9.30
N THR A 175 18.19 10.72 -8.41
CA THR A 175 19.53 10.17 -8.15
C THR A 175 19.80 9.63 -6.73
N LYS A 176 19.11 10.18 -5.71
CA LYS A 176 19.30 9.69 -4.34
C LYS A 176 19.11 8.17 -4.30
N GLN A 177 20.00 7.48 -3.60
CA GLN A 177 20.01 6.01 -3.52
C GLN A 177 18.99 5.41 -2.55
N GLU A 178 17.71 5.62 -2.85
CA GLU A 178 16.61 5.11 -2.03
C GLU A 178 15.49 4.70 -2.97
N ASP A 179 14.92 3.51 -2.75
CA ASP A 179 13.87 2.96 -3.64
C ASP A 179 13.43 1.64 -3.11
N ALA A 180 12.30 1.14 -3.60
CA ALA A 180 11.89 -0.24 -3.32
C ALA A 180 12.84 -1.07 -4.15
N CYS A 181 12.78 -2.39 -4.00
CA CYS A 181 13.67 -3.27 -4.73
C CYS A 181 13.11 -4.69 -4.82
N GLN A 182 13.89 -5.64 -5.31
CA GLN A 182 13.39 -7.01 -5.47
C GLN A 182 12.89 -7.61 -4.15
N GLY A 183 11.68 -8.17 -4.17
CA GLY A 183 11.10 -8.76 -2.98
C GLY A 183 10.07 -7.82 -2.34
N ASP A 184 10.13 -6.55 -2.72
CA ASP A 184 9.18 -5.53 -2.20
C ASP A 184 7.92 -5.48 -3.03
N SER A 185 7.94 -6.03 -4.25
CA SER A 185 6.76 -5.90 -5.13
C SER A 185 5.53 -6.54 -4.52
N GLY A 186 4.38 -5.91 -4.77
CA GLY A 186 3.12 -6.35 -4.20
C GLY A 186 2.85 -5.65 -2.89
N GLY A 187 3.89 -5.03 -2.33
CA GLY A 187 3.79 -4.42 -0.98
C GLY A 187 3.14 -3.06 -0.97
N PRO A 188 2.96 -2.49 0.23
CA PRO A 188 2.22 -1.28 0.34
C PRO A 188 2.93 0.01 -0.04
N HIS A 189 2.19 0.90 -0.68
CA HIS A 189 2.56 2.31 -0.77
C HIS A 189 1.39 2.98 -0.05
N VAL A 190 1.66 3.66 1.07
CA VAL A 190 0.57 4.35 1.78
C VAL A 190 0.89 5.84 1.95
N THR A 191 -0.15 6.64 2.11
CA THR A 191 0.04 8.08 2.29
C THR A 191 -0.60 8.47 3.61
N ARG A 192 0.13 9.26 4.42
CA ARG A 192 -0.37 9.67 5.69
C ARG A 192 -1.17 10.97 5.54
N PHE A 193 -2.31 11.05 6.23
CA PHE A 193 -3.10 12.25 6.24
C PHE A 193 -3.63 12.37 7.68
N LYS A 194 -3.20 13.41 8.40
CA LYS A 194 -3.63 13.54 9.82
C LYS A 194 -3.50 12.24 10.65
N ASP A 195 -2.31 11.69 10.66
CA ASP A 195 -2.03 10.47 11.43
C ASP A 195 -2.85 9.22 11.04
N THR A 196 -3.41 9.22 9.83
CA THR A 196 -4.12 8.02 9.35
C THR A 196 -3.48 7.68 8.02
N TYR A 197 -3.17 6.37 7.83
CA TYR A 197 -2.44 5.92 6.62
C TYR A 197 -3.40 5.23 5.66
N PHE A 198 -3.44 5.75 4.45
CA PHE A 198 -4.34 5.23 3.39
C PHE A 198 -3.54 4.55 2.31
N VAL A 199 -4.11 3.45 1.78
N VAL A 199 -3.97 3.36 1.86
CA VAL A 199 -3.51 2.73 0.69
CA VAL A 199 -3.21 2.69 0.80
C VAL A 199 -3.52 3.62 -0.57
C VAL A 199 -3.45 3.41 -0.55
N THR A 200 -2.36 3.86 -1.16
CA THR A 200 -2.33 4.63 -2.38
C THR A 200 -1.66 3.91 -3.55
N GLY A 201 -0.86 2.89 -3.28
CA GLY A 201 -0.19 2.21 -4.39
C GLY A 201 0.17 0.79 -4.03
N ILE A 202 0.61 0.06 -5.04
CA ILE A 202 1.12 -1.28 -4.87
C ILE A 202 2.50 -1.24 -5.53
N VAL A 203 3.55 -1.70 -4.86
CA VAL A 203 4.88 -1.73 -5.46
C VAL A 203 4.79 -2.66 -6.72
N SER A 204 5.16 -2.12 -7.89
CA SER A 204 4.94 -2.87 -9.13
C SER A 204 6.22 -3.23 -9.88
N TRP A 205 6.96 -2.22 -10.34
CA TRP A 205 8.19 -2.49 -11.12
C TRP A 205 9.10 -1.28 -11.16
N GLY A 206 10.34 -1.49 -11.60
CA GLY A 206 11.31 -0.42 -11.70
C GLY A 206 12.39 -0.99 -12.62
N GLU A 207 13.09 -0.10 -13.30
CA GLU A 207 14.20 -0.51 -14.18
C GLU A 207 15.42 -0.60 -13.24
N GLY A 208 15.53 -1.71 -12.53
CA GLY A 208 16.56 -1.86 -11.50
C GLY A 208 16.06 -1.26 -10.19
N CYS A 209 16.98 -0.96 -9.28
CA CYS A 209 16.60 -0.36 -7.99
C CYS A 209 17.46 0.85 -7.72
N ALA A 210 16.81 1.98 -7.45
CA ALA A 210 17.48 3.25 -7.14
C ALA A 210 18.43 3.74 -8.23
N ARG A 211 18.22 3.31 -9.46
CA ARG A 211 19.08 3.80 -10.56
C ARG A 211 18.90 5.31 -10.77
N LYS A 212 19.99 5.96 -11.20
CA LYS A 212 19.95 7.40 -11.48
C LYS A 212 19.01 7.63 -12.65
N GLY A 213 18.21 8.68 -12.54
CA GLY A 213 17.24 9.02 -13.58
C GLY A 213 16.06 8.08 -13.74
N LYS A 214 15.93 7.09 -12.85
CA LYS A 214 14.79 6.15 -12.85
C LYS A 214 14.05 6.25 -11.52
N TYR A 215 12.75 5.97 -11.58
CA TYR A 215 11.90 6.01 -10.37
C TYR A 215 11.20 4.68 -10.17
N GLY A 216 10.56 4.50 -9.03
CA GLY A 216 9.80 3.27 -8.77
C GLY A 216 8.43 3.45 -9.37
N ILE A 217 7.88 2.37 -9.92
CA ILE A 217 6.59 2.42 -10.58
C ILE A 217 5.60 1.62 -9.74
N TYR A 218 4.50 2.29 -9.42
CA TYR A 218 3.45 1.77 -8.55
C TYR A 218 2.11 1.63 -9.23
N THR A 219 1.40 0.57 -8.90
CA THR A 219 0.00 0.51 -9.38
C THR A 219 -0.81 1.60 -8.66
N LYS A 220 -1.61 2.32 -9.44
N LYS A 220 -1.60 2.36 -9.42
CA LYS A 220 -2.48 3.41 -8.93
CA LYS A 220 -2.40 3.46 -8.87
C LYS A 220 -3.72 2.78 -8.31
C LYS A 220 -3.72 2.91 -8.31
N VAL A 221 -3.72 2.68 -7.00
CA VAL A 221 -4.86 2.04 -6.31
C VAL A 221 -6.18 2.81 -6.57
N THR A 222 -6.09 4.14 -6.70
CA THR A 222 -7.32 4.95 -6.92
C THR A 222 -8.02 4.50 -8.20
N ALA A 223 -7.26 3.96 -9.17
CA ALA A 223 -7.89 3.49 -10.44
C ALA A 223 -8.69 2.18 -10.26
N PHE A 224 -8.47 1.50 -9.14
CA PHE A 224 -9.06 0.17 -8.89
C PHE A 224 -9.97 0.07 -7.67
N LEU A 225 -10.38 1.21 -7.14
CA LEU A 225 -11.17 1.21 -5.88
C LEU A 225 -12.50 0.50 -6.03
N LYS A 226 -13.20 0.70 -7.16
CA LYS A 226 -14.45 -0.07 -7.33
C LYS A 226 -14.18 -1.56 -7.51
N TRP A 227 -13.10 -1.89 -8.24
CA TRP A 227 -12.71 -3.26 -8.50
C TRP A 227 -12.34 -3.93 -7.20
N ILE A 228 -11.61 -3.20 -6.34
CA ILE A 228 -11.26 -3.79 -5.04
C ILE A 228 -12.50 -4.05 -4.19
N ASP A 229 -13.41 -3.09 -4.16
CA ASP A 229 -14.66 -3.18 -3.38
C ASP A 229 -15.49 -4.38 -3.82
N ARG A 230 -15.57 -4.56 -5.16
CA ARG A 230 -16.29 -5.70 -5.77
C ARG A 230 -15.63 -7.01 -5.41
N SER A 231 -14.30 -7.03 -5.45
CA SER A 231 -13.54 -8.21 -5.09
C SER A 231 -13.70 -8.61 -3.61
N MET A 232 -13.96 -7.63 -2.74
CA MET A 232 -14.08 -7.88 -1.30
C MET A 232 -15.50 -8.32 -0.92
N LYS A 233 -16.44 -8.18 -1.85
CA LYS A 233 -17.82 -8.59 -1.57
C LYS A 233 -18.13 -10.00 -2.09
N THR A 234 -17.10 -10.67 -2.59
CA THR A 234 -17.21 -12.02 -3.12
C THR A 234 -15.81 -12.64 -3.24
N ARG B 81 -8.52 29.49 -2.33
CA ARG B 81 -9.04 28.13 -2.02
C ARG B 81 -10.24 28.23 -1.11
N LYS B 82 -11.28 27.45 -1.41
CA LYS B 82 -12.49 27.41 -0.60
C LYS B 82 -12.90 25.96 -0.36
N LEU B 83 -13.84 25.79 0.56
CA LEU B 83 -14.44 24.51 0.91
C LEU B 83 -13.39 23.40 1.09
N CYS B 84 -13.59 22.27 0.41
CA CYS B 84 -12.64 21.16 0.55
C CYS B 84 -11.21 21.54 0.20
N SER B 85 -11.02 22.61 -0.59
CA SER B 85 -9.66 23.02 -0.96
C SER B 85 -9.02 23.82 0.13
N LEU B 86 -9.80 24.24 1.12
CA LEU B 86 -9.23 25.03 2.21
C LEU B 86 -9.09 24.09 3.40
N ASP B 87 -7.86 23.68 3.64
CA ASP B 87 -7.53 22.77 4.73
C ASP B 87 -8.47 21.55 4.83
N ASN B 88 -8.76 20.92 3.69
CA ASN B 88 -9.61 19.72 3.70
C ASN B 88 -11.00 19.93 4.28
N GLY B 89 -11.49 21.18 4.21
CA GLY B 89 -12.82 21.56 4.73
C GLY B 89 -12.94 21.36 6.24
N ASP B 90 -11.78 21.23 6.91
CA ASP B 90 -11.71 20.94 8.38
C ASP B 90 -12.10 19.50 8.71
N CYS B 91 -12.22 18.62 7.69
CA CYS B 91 -12.56 17.22 7.89
C CYS B 91 -11.33 16.43 8.32
N ASP B 92 -11.53 15.41 9.14
CA ASP B 92 -10.41 14.50 9.53
C ASP B 92 -10.03 13.64 8.32
N GLN B 93 -11.05 13.20 7.56
CA GLN B 93 -10.78 12.31 6.43
C GLN B 93 -11.40 12.81 5.11
N PHE B 94 -12.39 12.11 4.61
CA PHE B 94 -12.90 12.50 3.30
C PHE B 94 -13.68 13.78 3.36
N CYS B 95 -13.54 14.58 2.31
CA CYS B 95 -14.25 15.85 2.14
C CYS B 95 -14.89 15.83 0.73
N HIS B 96 -16.19 16.17 0.68
CA HIS B 96 -16.99 16.29 -0.54
C HIS B 96 -17.70 17.63 -0.45
N GLU B 97 -17.90 18.27 -1.61
CA GLU B 97 -18.61 19.54 -1.66
C GLU B 97 -19.98 19.22 -2.23
N GLU B 98 -21.01 19.42 -1.43
CA GLU B 98 -22.39 19.15 -1.85
C GLU B 98 -23.21 20.43 -1.70
N GLN B 99 -23.87 20.84 -2.78
CA GLN B 99 -24.68 22.05 -2.80
C GLN B 99 -23.88 23.24 -2.23
N ASN B 100 -22.64 23.34 -2.65
CA ASN B 100 -21.71 24.41 -2.26
C ASN B 100 -21.29 24.47 -0.76
N SER B 101 -21.48 23.36 -0.04
CA SER B 101 -21.03 23.27 1.36
C SER B 101 -20.19 22.00 1.56
N VAL B 102 -19.34 22.02 2.59
CA VAL B 102 -18.49 20.88 2.89
C VAL B 102 -19.24 19.76 3.55
N VAL B 103 -19.00 18.54 3.09
CA VAL B 103 -19.59 17.40 3.73
C VAL B 103 -18.43 16.42 4.03
N CYS B 104 -18.20 16.14 5.32
CA CYS B 104 -17.13 15.21 5.73
C CYS B 104 -17.67 13.79 5.86
N SER B 105 -16.79 12.79 5.68
CA SER B 105 -17.15 11.40 5.88
C SER B 105 -15.87 10.66 6.26
N CYS B 106 -16.04 9.39 6.60
CA CYS B 106 -14.92 8.61 7.11
C CYS B 106 -14.83 7.22 6.48
N ALA B 107 -13.66 6.62 6.65
CA ALA B 107 -13.37 5.29 6.15
C ALA B 107 -14.17 4.27 6.94
N ARG B 108 -14.28 3.06 6.40
CA ARG B 108 -14.98 2.03 7.11
C ARG B 108 -14.33 1.76 8.45
N GLY B 109 -15.14 1.60 9.50
CA GLY B 109 -14.63 1.34 10.83
C GLY B 109 -14.49 2.60 11.68
N TYR B 110 -14.92 3.73 11.11
CA TYR B 110 -14.96 5.00 11.81
C TYR B 110 -16.37 5.56 11.66
N THR B 111 -16.78 6.30 12.67
CA THR B 111 -18.06 6.99 12.63
C THR B 111 -17.78 8.49 12.69
N LEU B 112 -18.55 9.27 11.93
CA LEU B 112 -18.41 10.72 11.93
C LEU B 112 -18.87 11.28 13.28
N ALA B 113 -18.02 12.08 13.91
CA ALA B 113 -18.33 12.66 15.21
C ALA B 113 -19.51 13.65 15.13
N ASP B 114 -20.03 14.00 16.31
CA ASP B 114 -21.15 14.94 16.39
C ASP B 114 -20.87 16.29 15.73
N ASN B 115 -19.61 16.71 15.66
CA ASN B 115 -19.31 17.96 14.96
C ASN B 115 -19.34 17.80 13.43
N GLY B 116 -19.60 16.57 12.97
CA GLY B 116 -19.64 16.29 11.53
C GLY B 116 -18.30 16.45 10.82
N LYS B 117 -17.21 16.43 11.58
CA LYS B 117 -15.89 16.65 10.96
C LYS B 117 -14.91 15.56 11.37
N ALA B 118 -14.83 15.31 12.68
CA ALA B 118 -13.93 14.27 13.18
C ALA B 118 -14.39 12.84 12.91
N CYS B 119 -13.42 11.91 12.84
CA CYS B 119 -13.68 10.50 12.62
C CYS B 119 -13.29 9.70 13.86
N ILE B 120 -14.25 8.99 14.43
CA ILE B 120 -14.00 8.23 15.67
C ILE B 120 -13.96 6.73 15.39
N PRO B 121 -12.90 6.04 15.82
CA PRO B 121 -12.82 4.59 15.58
C PRO B 121 -13.99 3.91 16.29
N THR B 122 -14.67 3.01 15.58
CA THR B 122 -15.83 2.31 16.17
C THR B 122 -15.44 1.18 17.09
N GLY B 123 -14.23 0.69 16.92
CA GLY B 123 -13.80 -0.43 17.69
C GLY B 123 -12.30 -0.44 17.68
N PRO B 124 -11.72 -1.56 18.13
CA PRO B 124 -10.27 -1.64 18.25
C PRO B 124 -9.62 -1.94 16.88
N TYR B 125 -8.35 -1.52 16.78
CA TYR B 125 -7.50 -1.62 15.57
C TYR B 125 -8.17 -1.02 14.33
N PRO B 126 -8.48 0.28 14.40
CA PRO B 126 -9.12 0.93 13.24
C PRO B 126 -8.10 0.97 12.09
N CYS B 127 -8.61 1.01 10.87
CA CYS B 127 -7.70 1.00 9.75
C CYS B 127 -6.82 2.24 9.76
N GLY B 128 -5.60 2.05 9.32
CA GLY B 128 -4.74 3.20 9.07
C GLY B 128 -4.06 3.82 10.28
N LYS B 129 -4.20 3.18 11.43
CA LYS B 129 -3.49 3.66 12.62
C LYS B 129 -2.34 2.74 12.98
N GLN B 130 -1.19 3.33 13.22
CA GLN B 130 -0.06 2.58 13.73
C GLN B 130 -0.46 2.02 15.10
N THR B 131 0.05 0.83 15.44
CA THR B 131 -0.32 0.18 16.70
C THR B 131 0.79 0.57 17.67
N LEU B 132 0.68 1.73 18.30
CA LEU B 132 1.77 2.18 19.18
C LEU B 132 1.33 2.13 20.65
#